data_6KZD
#
_entry.id   6KZD
#
_cell.length_a   51.695
_cell.length_b   54.569
_cell.length_c   108.842
_cell.angle_alpha   90.000
_cell.angle_beta   90.000
_cell.angle_gamma   90.000
#
_symmetry.space_group_name_H-M   'P 21 21 21'
#
loop_
_entity.id
_entity.type
_entity.pdbx_description
1 polymer 'NT-3 growth factor receptor'
2 non-polymer 3-[2-[6-(4-aminophenyl)imidazo[1,2-a]pyrazin-3-yl]ethynyl]-2-methyl-~{N}-[3-(4-methylpiperazin-1-yl)-5-propan-2-yl-phenyl]benzamide
3 non-polymer 'PHOSPHATE ION'
4 water water
#
_entity_poly.entity_id   1
_entity_poly.type   'polypeptide(L)'
_entity_poly.pdbx_seq_one_letter_code
;TYVQHIKRRDIVLKRELGEGAFGKVFLAECYNLSPTKDKMLVAVKALKDPTLAARKDFQREAELLTNLQHEHIVKFYGVC
GDGDPLIMVFEYMKHGDLNKFLRAHGPDAMILVDGQPRQAKGELGLSQMLHIASQIASGMVYLASQHFVHRDLATRNCLV
GANLLVKIGDFGMSRDVYSTDYYRLFNPSGNDFCIWCEVGGHTMLPIRWMPPESIMYRKFTTESDVWSFGVILWEIFTYG
KQPWFQLSNTEVIECITQGRVLERPRVCPKEVYDVMLGCWQREPQQRLNIKEIYKILHALGKATPIYLDILG
;
_entity_poly.pdbx_strand_id   A
#
# COMPACT_ATOMS: atom_id res chain seq x y z
N THR A 1 -0.20 22.99 -5.78
CA THR A 1 0.06 23.40 -4.40
C THR A 1 1.54 23.65 -4.17
N TYR A 2 1.85 24.22 -3.01
CA TYR A 2 3.24 24.40 -2.61
C TYR A 2 3.74 23.18 -1.85
N VAL A 3 4.97 22.79 -2.16
CA VAL A 3 5.59 21.65 -1.50
C VAL A 3 6.72 22.14 -0.60
N GLN A 4 6.86 21.55 0.59
CA GLN A 4 7.95 21.93 1.46
C GLN A 4 9.29 21.66 0.79
N HIS A 5 10.20 22.62 0.92
CA HIS A 5 11.51 22.60 0.29
C HIS A 5 12.56 22.15 1.28
N ILE A 6 13.20 21.02 1.00
CA ILE A 6 14.26 20.50 1.87
C ILE A 6 15.60 20.76 1.23
N LYS A 7 16.57 21.23 2.00
CA LYS A 7 17.88 21.52 1.45
C LYS A 7 18.69 20.24 1.30
N ARG A 8 19.38 20.11 0.16
CA ARG A 8 20.20 18.92 -0.07
C ARG A 8 21.25 18.73 1.00
N ARG A 9 21.77 19.83 1.52
CA ARG A 9 22.82 19.79 2.53
C ARG A 9 22.34 19.15 3.82
N ASP A 10 21.03 19.12 4.00
CA ASP A 10 20.47 18.62 5.25
C ASP A 10 20.23 17.13 5.25
N ILE A 11 20.48 16.48 4.12
CA ILE A 11 20.23 15.05 3.98
C ILE A 11 21.51 14.25 3.93
N VAL A 12 21.59 13.25 4.80
CA VAL A 12 22.72 12.33 4.84
C VAL A 12 22.25 10.91 4.59
N LEU A 13 22.65 10.31 3.47
CA LEU A 13 22.25 8.95 3.14
C LEU A 13 22.95 7.93 4.02
N LYS A 14 22.23 6.89 4.41
CA LYS A 14 22.81 5.90 5.32
C LYS A 14 22.85 4.52 4.68
N ARG A 15 21.77 4.14 4.03
CA ARG A 15 21.65 2.80 3.48
C ARG A 15 20.63 2.76 2.36
N GLU A 16 20.95 2.03 1.31
CA GLU A 16 20.04 1.83 0.20
C GLU A 16 19.00 0.76 0.52
N LEU A 17 17.74 1.02 0.21
CA LEU A 17 16.67 0.05 0.51
C LEU A 17 16.16 -0.67 -0.73
N GLY A 18 16.16 0.01 -1.86
CA GLY A 18 15.70 -0.62 -3.09
C GLY A 18 15.61 0.37 -4.24
N GLU A 19 15.13 -0.11 -5.39
CA GLU A 19 14.95 0.74 -6.55
C GLU A 19 13.66 0.40 -7.29
N GLY A 20 12.86 1.42 -7.56
CA GLY A 20 11.64 1.24 -8.32
C GLY A 20 11.75 1.87 -9.70
N ALA A 21 10.60 2.09 -10.34
CA ALA A 21 10.58 2.75 -11.62
C ALA A 21 11.03 4.20 -11.47
N PHE A 22 10.87 4.73 -10.26
CA PHE A 22 11.13 6.13 -10.00
C PHE A 22 12.38 6.40 -9.14
N GLY A 23 13.39 5.55 -9.27
CA GLY A 23 14.67 5.79 -8.62
C GLY A 23 14.90 5.03 -7.32
N LYS A 24 16.10 5.19 -6.77
CA LYS A 24 16.50 4.48 -5.55
C LYS A 24 15.88 5.07 -4.29
N VAL A 25 15.61 4.21 -3.32
CA VAL A 25 15.12 4.65 -2.02
C VAL A 25 16.15 4.32 -0.95
N PHE A 26 16.41 5.31 -0.09
CA PHE A 26 17.44 5.22 0.95
C PHE A 26 16.89 5.49 2.34
N LEU A 27 17.44 4.79 3.33
CA LEU A 27 17.36 5.26 4.70
C LEU A 27 18.35 6.41 4.83
N ALA A 28 17.90 7.52 5.39
CA ALA A 28 18.75 8.68 5.51
C ALA A 28 18.50 9.39 6.82
N GLU A 29 19.35 10.33 7.15
CA GLU A 29 19.06 11.26 8.23
C GLU A 29 18.83 12.63 7.62
N CYS A 30 17.94 13.41 8.23
CA CYS A 30 17.68 14.75 7.77
C CYS A 30 17.74 15.74 8.92
N TYR A 31 18.49 16.82 8.74
CA TYR A 31 18.59 17.91 9.71
C TYR A 31 17.56 18.99 9.43
N ASN A 32 17.31 19.83 10.43
CA ASN A 32 16.47 21.02 10.29
C ASN A 32 15.06 20.69 9.82
N LEU A 33 14.60 19.49 10.17
CA LEU A 33 13.29 19.02 9.75
C LEU A 33 12.36 18.90 10.94
N SER A 34 12.83 18.21 11.98
CA SER A 34 12.10 18.08 13.24
C SER A 34 12.02 19.45 13.90
N PRO A 35 11.04 19.63 14.81
CA PRO A 35 10.92 20.90 15.53
C PRO A 35 12.19 21.29 16.29
N THR A 36 12.97 20.30 16.72
CA THR A 36 14.23 20.56 17.40
C THR A 36 15.39 20.74 16.42
N LYS A 37 15.11 20.48 15.13
CA LYS A 37 16.09 20.61 14.03
C LYS A 37 17.21 19.57 14.13
N ASP A 38 17.25 18.87 15.26
CA ASP A 38 18.11 17.71 15.47
C ASP A 38 17.86 16.69 14.37
N LYS A 39 18.87 15.86 14.05
CA LYS A 39 18.72 14.91 12.96
C LYS A 39 17.65 13.86 13.27
N MET A 40 16.95 13.42 12.23
CA MET A 40 15.91 12.41 12.37
C MET A 40 15.96 11.50 11.16
N LEU A 41 15.56 10.25 11.35
CA LEU A 41 15.56 9.29 10.26
C LEU A 41 14.44 9.60 9.28
N VAL A 42 14.74 9.45 8.00
CA VAL A 42 13.76 9.62 6.95
C VAL A 42 14.04 8.61 5.88
N ALA A 43 13.11 8.48 4.94
CA ALA A 43 13.40 7.75 3.72
C ALA A 43 13.48 8.74 2.59
N VAL A 44 14.47 8.54 1.72
CA VAL A 44 14.68 9.42 0.59
C VAL A 44 14.54 8.67 -0.73
N LYS A 45 13.74 9.18 -1.65
CA LYS A 45 13.74 8.65 -3.00
C LYS A 45 14.53 9.57 -3.91
N ALA A 46 15.47 9.01 -4.66
CA ALA A 46 16.35 9.80 -5.51
C ALA A 46 16.25 9.36 -6.97
N LEU A 47 15.88 10.30 -7.84
CA LEU A 47 15.78 10.04 -9.27
C LEU A 47 16.96 10.65 -10.00
N LYS A 48 17.85 9.81 -10.51
CA LYS A 48 19.00 10.30 -11.25
C LYS A 48 18.65 10.54 -12.72
N ASP A 49 19.16 11.64 -13.27
CA ASP A 49 18.99 11.98 -14.69
C ASP A 49 17.58 11.70 -15.20
N PRO A 50 16.58 12.31 -14.57
CA PRO A 50 15.19 11.94 -14.89
C PRO A 50 14.79 12.36 -16.30
N THR A 51 14.11 11.47 -17.00
CA THR A 51 13.44 11.83 -18.25
C THR A 51 12.35 12.84 -17.97
N LEU A 52 11.80 13.42 -19.01
CA LEU A 52 10.67 14.33 -18.85
C LEU A 52 9.50 13.61 -18.19
N ALA A 53 9.22 12.39 -18.62
CA ALA A 53 8.11 11.62 -18.05
C ALA A 53 8.34 11.36 -16.56
N ALA A 54 9.58 11.07 -16.20
CA ALA A 54 9.91 10.84 -14.80
C ALA A 54 9.79 12.11 -13.98
N ARG A 55 10.17 13.25 -14.56
CA ARG A 55 10.05 14.53 -13.86
C ARG A 55 8.58 14.85 -13.62
N LYS A 56 7.77 14.59 -14.63
CA LYS A 56 6.33 14.81 -14.50
C LYS A 56 5.73 13.91 -13.44
N ASP A 57 6.14 12.65 -13.40
CA ASP A 57 5.61 11.74 -12.39
C ASP A 57 6.06 12.15 -11.00
N PHE A 58 7.29 12.63 -10.88
CA PHE A 58 7.80 13.14 -9.61
C PHE A 58 6.94 14.30 -9.12
N GLN A 59 6.63 15.22 -10.02
CA GLN A 59 5.82 16.38 -9.64
C GLN A 59 4.41 15.97 -9.25
N ARG A 60 3.84 15.03 -10.00
CA ARG A 60 2.50 14.55 -9.71
C ARG A 60 2.46 13.88 -8.33
N GLU A 61 3.50 13.10 -8.02
CA GLU A 61 3.56 12.43 -6.73
C GLU A 61 3.68 13.44 -5.59
N ALA A 62 4.56 14.43 -5.76
CA ALA A 62 4.77 15.44 -4.73
C ALA A 62 3.49 16.22 -4.45
N GLU A 63 2.78 16.59 -5.50
CA GLU A 63 1.56 17.36 -5.31
C GLU A 63 0.48 16.52 -4.65
N LEU A 64 0.34 15.27 -5.10
CA LEU A 64 -0.63 14.35 -4.52
C LEU A 64 -0.38 14.13 -3.03
N LEU A 65 0.87 13.87 -2.65
CA LEU A 65 1.17 13.56 -1.25
C LEU A 65 1.14 14.79 -0.37
N THR A 66 1.18 15.97 -0.99
CA THR A 66 1.02 17.20 -0.23
C THR A 66 -0.46 17.36 0.11
N ASN A 67 -1.31 16.94 -0.82
CA ASN A 67 -2.75 17.08 -0.67
C ASN A 67 -3.42 15.97 0.13
N LEU A 68 -2.90 14.75 0.01
CA LEU A 68 -3.49 13.59 0.66
C LEU A 68 -2.74 13.33 1.94
N GLN A 69 -3.30 13.80 3.04
CA GLN A 69 -2.67 13.66 4.35
C GLN A 69 -3.64 13.01 5.30
N HIS A 70 -3.19 11.94 5.94
CA HIS A 70 -4.04 11.17 6.84
C HIS A 70 -3.16 10.25 7.66
N GLU A 71 -3.63 9.89 8.84
CA GLU A 71 -2.92 8.96 9.72
C GLU A 71 -2.48 7.65 9.04
N HIS A 72 -3.24 7.20 8.05
CA HIS A 72 -2.92 5.91 7.43
C HIS A 72 -2.56 6.02 5.97
N ILE A 73 -2.14 7.22 5.57
CA ILE A 73 -1.48 7.41 4.28
C ILE A 73 -0.03 7.77 4.56
N VAL A 74 0.91 7.19 3.80
CA VAL A 74 2.33 7.44 4.04
C VAL A 74 2.63 8.93 4.11
N LYS A 75 3.43 9.31 5.10
CA LYS A 75 3.70 10.73 5.34
C LYS A 75 4.87 11.21 4.50
N PHE A 76 4.69 12.39 3.94
CA PHE A 76 5.58 13.00 2.97
C PHE A 76 6.11 14.30 3.57
N TYR A 77 7.42 14.52 3.55
CA TYR A 77 8.00 15.72 4.18
C TYR A 77 8.31 16.82 3.18
N GLY A 78 8.67 16.47 1.95
CA GLY A 78 8.98 17.49 0.96
C GLY A 78 9.96 17.03 -0.11
N VAL A 79 10.44 17.98 -0.90
CA VAL A 79 11.34 17.68 -1.99
C VAL A 79 12.53 18.62 -1.96
N CYS A 80 13.65 18.22 -2.55
CA CYS A 80 14.74 19.16 -2.74
C CYS A 80 14.41 20.03 -3.95
N GLY A 81 15.21 21.06 -4.17
CA GLY A 81 15.04 21.92 -5.33
C GLY A 81 15.37 21.17 -6.61
N ASP A 82 15.20 21.87 -7.73
CA ASP A 82 15.55 21.33 -9.03
C ASP A 82 17.03 20.98 -9.04
N GLY A 83 17.36 19.90 -9.73
CA GLY A 83 18.73 19.45 -9.83
C GLY A 83 18.77 17.98 -10.12
N ASP A 84 19.93 17.37 -9.90
CA ASP A 84 20.13 15.97 -10.21
C ASP A 84 20.96 15.36 -9.09
N PRO A 85 20.39 14.38 -8.37
CA PRO A 85 19.07 13.77 -8.63
C PRO A 85 17.90 14.59 -8.10
N LEU A 86 16.70 14.29 -8.57
CA LEU A 86 15.50 14.78 -7.91
C LEU A 86 15.33 13.98 -6.63
N ILE A 87 14.97 14.67 -5.55
CA ILE A 87 14.89 14.01 -4.25
C ILE A 87 13.58 14.30 -3.55
N MET A 88 12.93 13.23 -3.10
CA MET A 88 11.69 13.31 -2.34
C MET A 88 11.94 12.68 -0.97
N VAL A 89 11.37 13.26 0.07
CA VAL A 89 11.67 12.83 1.44
C VAL A 89 10.40 12.39 2.14
N PHE A 90 10.45 11.18 2.71
CA PHE A 90 9.31 10.53 3.36
C PHE A 90 9.58 10.20 4.81
N GLU A 91 8.51 10.02 5.57
CA GLU A 91 8.65 9.47 6.91
C GLU A 91 9.23 8.06 6.82
N TYR A 92 10.17 7.74 7.71
CA TYR A 92 10.75 6.40 7.75
C TYR A 92 9.86 5.44 8.54
N MET A 93 9.55 4.31 7.93
CA MET A 93 8.71 3.29 8.51
C MET A 93 9.56 2.06 8.74
N LYS A 94 9.93 1.83 9.99
CA LYS A 94 11.10 1.00 10.29
C LYS A 94 10.90 -0.50 10.02
N HIS A 95 9.66 -0.95 9.87
CA HIS A 95 9.45 -2.37 9.61
C HIS A 95 9.20 -2.67 8.14
N GLY A 96 9.31 -1.65 7.29
CA GLY A 96 9.30 -1.88 5.85
C GLY A 96 7.94 -2.25 5.32
N ASP A 97 7.89 -2.97 4.20
CA ASP A 97 6.60 -3.20 3.56
C ASP A 97 5.84 -4.31 4.26
N LEU A 98 4.52 -4.20 4.21
CA LEU A 98 3.66 -5.08 4.95
C LEU A 98 3.70 -6.51 4.43
N ASN A 99 3.95 -6.71 3.14
CA ASN A 99 3.98 -8.08 2.66
C ASN A 99 5.14 -8.87 3.27
N LYS A 100 6.34 -8.29 3.24
CA LYS A 100 7.49 -8.92 3.88
C LYS A 100 7.29 -9.05 5.38
N PHE A 101 6.64 -8.06 6.00
CA PHE A 101 6.33 -8.13 7.42
C PHE A 101 5.44 -9.33 7.72
N LEU A 102 4.37 -9.48 6.95
CA LEU A 102 3.46 -10.61 7.16
C LEU A 102 4.19 -11.93 6.99
N ARG A 103 5.01 -12.04 5.95
CA ARG A 103 5.74 -13.28 5.69
C ARG A 103 6.70 -13.63 6.80
N ALA A 104 7.33 -12.61 7.38
CA ALA A 104 8.28 -12.80 8.47
C ALA A 104 7.60 -13.36 9.71
N HIS A 105 6.29 -13.17 9.81
CA HIS A 105 5.54 -13.68 10.96
C HIS A 105 4.79 -14.96 10.64
N GLY A 106 4.98 -15.50 9.45
CA GLY A 106 4.19 -16.63 9.01
C GLY A 106 4.82 -17.97 9.29
N PRO A 107 4.08 -19.06 9.06
CA PRO A 107 4.53 -20.44 9.30
C PRO A 107 5.75 -20.81 8.46
N ASP A 108 5.89 -20.23 7.26
CA ASP A 108 6.99 -20.56 6.36
C ASP A 108 8.28 -19.86 6.81
N ALA A 109 8.18 -19.08 7.89
CA ALA A 109 9.36 -18.45 8.47
C ALA A 109 9.91 -19.31 9.61
N GLY A 122 6.76 -13.87 17.30
CA GLY A 122 6.22 -15.15 16.85
C GLY A 122 5.28 -15.00 15.66
N GLU A 123 4.01 -15.31 15.87
CA GLU A 123 3.00 -15.15 14.83
C GLU A 123 2.03 -14.03 15.17
N LEU A 124 1.14 -13.71 14.24
CA LEU A 124 0.19 -12.62 14.46
C LEU A 124 -1.14 -13.17 14.91
N GLY A 125 -1.71 -12.55 15.93
CA GLY A 125 -2.99 -13.00 16.45
C GLY A 125 -4.12 -12.39 15.64
N LEU A 126 -5.33 -12.84 15.92
CA LEU A 126 -6.51 -12.33 15.23
C LEU A 126 -6.65 -10.83 15.48
N SER A 127 -6.43 -10.39 16.72
CA SER A 127 -6.53 -8.97 17.04
C SER A 127 -5.54 -8.14 16.21
N GLN A 128 -4.32 -8.67 16.07
CA GLN A 128 -3.29 -7.97 15.32
C GLN A 128 -3.63 -7.92 13.84
N MET A 129 -4.12 -9.03 13.31
CA MET A 129 -4.52 -9.08 11.90
C MET A 129 -5.66 -8.12 11.63
N LEU A 130 -6.63 -8.06 12.53
CA LEU A 130 -7.76 -7.17 12.35
C LEU A 130 -7.32 -5.70 12.49
N HIS A 131 -6.34 -5.44 13.35
CA HIS A 131 -5.85 -4.07 13.49
C HIS A 131 -5.14 -3.63 12.22
N ILE A 132 -4.34 -4.51 11.63
CA ILE A 132 -3.69 -4.21 10.35
C ILE A 132 -4.75 -3.90 9.29
N ALA A 133 -5.75 -4.76 9.21
CA ALA A 133 -6.82 -4.62 8.23
C ALA A 133 -7.59 -3.32 8.44
N SER A 134 -7.90 -3.01 9.70
CA SER A 134 -8.70 -1.82 10.02
C SER A 134 -7.95 -0.55 9.66
N GLN A 135 -6.65 -0.55 9.90
CA GLN A 135 -5.85 0.63 9.56
C GLN A 135 -5.82 0.88 8.07
N ILE A 136 -5.66 -0.18 7.29
CA ILE A 136 -5.70 -0.03 5.84
C ILE A 136 -7.08 0.48 5.40
N ALA A 137 -8.13 -0.08 6.00
CA ALA A 137 -9.49 0.33 5.67
C ALA A 137 -9.69 1.81 6.00
N SER A 138 -9.13 2.25 7.12
CA SER A 138 -9.20 3.66 7.52
C SER A 138 -8.55 4.57 6.47
N GLY A 139 -7.36 4.19 6.02
CA GLY A 139 -6.69 4.92 4.95
C GLY A 139 -7.53 4.95 3.69
N MET A 140 -8.20 3.84 3.39
CA MET A 140 -9.03 3.79 2.20
C MET A 140 -10.30 4.62 2.34
N VAL A 141 -10.86 4.70 3.55
CA VAL A 141 -12.00 5.61 3.77
C VAL A 141 -11.58 7.02 3.44
N TYR A 142 -10.40 7.40 3.89
CA TYR A 142 -9.88 8.72 3.59
C TYR A 142 -9.67 8.90 2.08
N LEU A 143 -9.05 7.95 1.41
CA LEU A 143 -8.85 8.09 -0.03
C LEU A 143 -10.19 8.22 -0.75
N ALA A 144 -11.16 7.40 -0.38
CA ALA A 144 -12.46 7.45 -1.03
C ALA A 144 -13.11 8.82 -0.80
N SER A 145 -12.90 9.39 0.38
CA SER A 145 -13.47 10.71 0.69
C SER A 145 -12.86 11.82 -0.14
N GLN A 146 -11.67 11.58 -0.68
CA GLN A 146 -10.97 12.55 -1.54
C GLN A 146 -11.15 12.18 -3.00
N HIS A 147 -11.99 11.18 -3.25
CA HIS A 147 -12.25 10.67 -4.60
C HIS A 147 -10.97 10.25 -5.29
N PHE A 148 -10.08 9.64 -4.53
CA PHE A 148 -8.83 9.14 -5.06
C PHE A 148 -8.94 7.63 -5.25
N VAL A 149 -8.69 7.18 -6.47
CA VAL A 149 -8.69 5.75 -6.76
C VAL A 149 -7.24 5.29 -6.88
N HIS A 150 -6.88 4.32 -6.06
CA HIS A 150 -5.48 3.94 -5.88
C HIS A 150 -4.97 3.03 -7.02
N ARG A 151 -5.75 2.00 -7.33
CA ARG A 151 -5.52 1.04 -8.42
C ARG A 151 -4.47 -0.04 -8.17
N ASP A 152 -3.71 0.06 -7.08
CA ASP A 152 -2.71 -0.96 -6.80
C ASP A 152 -2.61 -1.22 -5.30
N LEU A 153 -3.78 -1.36 -4.66
CA LEU A 153 -3.79 -1.71 -3.25
C LEU A 153 -3.37 -3.15 -3.06
N ALA A 154 -2.37 -3.35 -2.21
CA ALA A 154 -1.81 -4.68 -1.93
C ALA A 154 -0.92 -4.50 -0.73
N THR A 155 -0.63 -5.56 0.02
CA THR A 155 0.18 -5.36 1.22
C THR A 155 1.62 -4.92 0.85
N ARG A 156 2.11 -5.28 -0.33
CA ARG A 156 3.45 -4.82 -0.74
C ARG A 156 3.51 -3.28 -0.85
N ASN A 157 2.36 -2.64 -0.98
CA ASN A 157 2.32 -1.18 -1.07
C ASN A 157 1.92 -0.49 0.23
N CYS A 158 1.95 -1.23 1.34
CA CYS A 158 1.71 -0.65 2.66
C CYS A 158 3.00 -0.69 3.44
N LEU A 159 3.19 0.29 4.34
CA LEU A 159 4.37 0.33 5.20
C LEU A 159 4.01 0.08 6.66
N VAL A 160 4.94 -0.49 7.41
CA VAL A 160 4.70 -0.78 8.81
C VAL A 160 5.70 -0.05 9.69
N GLY A 161 5.19 0.66 10.69
CA GLY A 161 6.05 1.40 11.61
C GLY A 161 5.96 0.82 13.01
N ALA A 162 6.38 1.58 14.02
CA ALA A 162 6.30 1.17 15.42
C ALA A 162 4.87 0.94 15.86
N ASN A 163 4.66 0.04 16.82
CA ASN A 163 3.35 -0.19 17.42
C ASN A 163 2.34 -0.74 16.39
N LEU A 164 2.84 -1.48 15.40
CA LEU A 164 2.03 -2.05 14.31
C LEU A 164 1.27 -1.00 13.53
N LEU A 165 1.83 0.20 13.44
CA LEU A 165 1.20 1.25 12.67
C LEU A 165 1.37 0.97 11.18
N VAL A 166 0.25 0.93 10.46
CA VAL A 166 0.27 0.61 9.03
C VAL A 166 -0.24 1.79 8.22
N LYS A 167 0.46 2.13 7.14
CA LYS A 167 0.06 3.21 6.27
C LYS A 167 0.09 2.77 4.82
N ILE A 168 -0.83 3.28 4.03
CA ILE A 168 -0.88 2.98 2.61
C ILE A 168 0.05 3.86 1.79
N GLY A 169 0.86 3.24 0.94
CA GLY A 169 1.58 3.99 -0.09
C GLY A 169 1.39 3.41 -1.50
N ASP A 170 2.31 3.75 -2.39
CA ASP A 170 2.29 3.21 -3.74
C ASP A 170 3.71 3.26 -4.30
N PHE A 171 4.37 2.10 -4.34
CA PHE A 171 5.79 2.03 -4.71
C PHE A 171 5.98 1.57 -6.15
N GLY A 172 4.95 0.90 -6.66
CA GLY A 172 5.00 0.36 -8.01
C GLY A 172 5.82 -0.92 -8.07
N MET A 173 6.15 -1.33 -9.28
CA MET A 173 6.91 -2.56 -9.48
C MET A 173 8.40 -2.35 -9.22
N SER A 174 9.05 -3.37 -8.68
CA SER A 174 10.49 -3.29 -8.40
C SER A 174 11.31 -3.19 -9.67
N ARG A 175 12.35 -2.38 -9.61
CA ARG A 175 13.28 -2.17 -10.72
C ARG A 175 14.39 -3.23 -10.70
N ASP A 176 14.78 -3.66 -9.50
CA ASP A 176 15.96 -4.50 -9.34
C ASP A 176 15.64 -5.93 -8.90
N VAL A 177 14.45 -6.16 -8.36
CA VAL A 177 14.08 -7.48 -7.88
C VAL A 177 13.02 -8.13 -8.78
N TYR A 178 13.22 -9.40 -9.13
CA TYR A 178 12.22 -10.14 -9.89
C TYR A 178 10.87 -10.11 -9.16
N SER A 179 9.79 -9.90 -9.90
CA SER A 179 8.47 -9.89 -9.28
C SER A 179 7.48 -10.71 -10.09
N THR A 180 6.57 -11.35 -9.38
CA THR A 180 5.52 -12.15 -9.97
C THR A 180 4.16 -11.43 -9.92
N ASP A 181 4.13 -10.23 -9.36
CA ASP A 181 2.86 -9.61 -8.97
C ASP A 181 2.21 -8.78 -10.06
N TYR A 182 2.91 -8.58 -11.18
CA TYR A 182 2.38 -7.75 -12.25
C TYR A 182 2.48 -8.50 -13.57
N TYR A 183 1.50 -8.27 -14.43
CA TYR A 183 1.43 -8.95 -15.72
C TYR A 183 0.98 -7.96 -16.77
N ARG A 184 1.61 -8.00 -17.94
CA ARG A 184 1.20 -7.15 -19.05
C ARG A 184 -0.02 -7.76 -19.74
N LEU A 185 -1.18 -7.13 -19.54
CA LEU A 185 -2.43 -7.65 -20.10
C LEU A 185 -2.61 -7.23 -21.55
N HIS A 202 2.35 -1.82 -23.36
CA HIS A 202 1.63 -0.98 -22.42
C HIS A 202 1.99 -1.32 -20.97
N THR A 203 0.97 -1.40 -20.11
CA THR A 203 1.20 -1.36 -18.68
C THR A 203 1.17 -2.72 -17.99
N MET A 204 2.03 -2.84 -17.00
CA MET A 204 2.05 -3.99 -16.11
C MET A 204 0.95 -3.82 -15.07
N LEU A 205 0.12 -4.85 -14.92
CA LEU A 205 -1.05 -4.76 -14.06
C LEU A 205 -1.00 -5.77 -12.93
N PRO A 206 -1.43 -5.35 -11.74
CA PRO A 206 -1.52 -6.26 -10.60
C PRO A 206 -2.75 -7.15 -10.70
N ILE A 207 -2.79 -8.05 -11.69
CA ILE A 207 -4.04 -8.74 -12.00
C ILE A 207 -4.61 -9.56 -10.84
N ARG A 208 -3.74 -10.12 -9.98
CA ARG A 208 -4.24 -10.96 -8.90
C ARG A 208 -5.05 -10.18 -7.87
N TRP A 209 -4.87 -8.86 -7.86
CA TRP A 209 -5.59 -7.98 -6.94
C TRP A 209 -6.78 -7.28 -7.58
N MET A 210 -7.05 -7.56 -8.86
CA MET A 210 -8.04 -6.78 -9.62
C MET A 210 -9.36 -7.52 -9.82
N PRO A 211 -10.47 -6.77 -9.84
CA PRO A 211 -11.79 -7.36 -10.14
C PRO A 211 -11.99 -7.56 -11.64
N PRO A 212 -13.01 -8.33 -12.01
CA PRO A 212 -13.28 -8.61 -13.44
C PRO A 212 -13.39 -7.35 -14.29
N GLU A 213 -14.09 -6.32 -13.82
CA GLU A 213 -14.30 -5.15 -14.67
C GLU A 213 -13.01 -4.35 -14.89
N SER A 214 -12.05 -4.47 -13.97
CA SER A 214 -10.77 -3.76 -14.13
C SER A 214 -9.92 -4.50 -15.13
N ILE A 215 -9.95 -5.82 -15.05
CA ILE A 215 -9.17 -6.63 -15.97
C ILE A 215 -9.75 -6.55 -17.39
N MET A 216 -11.06 -6.68 -17.50
CA MET A 216 -11.72 -6.79 -18.81
C MET A 216 -11.92 -5.44 -19.50
N TYR A 217 -12.22 -4.41 -18.72
CA TYR A 217 -12.66 -3.12 -19.29
C TYR A 217 -11.84 -1.92 -18.82
N ARG A 218 -10.77 -2.15 -18.06
CA ARG A 218 -9.98 -1.08 -17.47
C ARG A 218 -10.83 -0.09 -16.68
N LYS A 219 -11.85 -0.60 -16.00
CA LYS A 219 -12.67 0.26 -15.15
C LYS A 219 -12.09 0.25 -13.74
N PHE A 220 -11.53 1.38 -13.31
CA PHE A 220 -10.98 1.50 -11.95
C PHE A 220 -11.77 2.51 -11.15
N THR A 221 -12.26 2.10 -9.99
CA THR A 221 -13.18 2.90 -9.21
C THR A 221 -12.91 2.65 -7.73
N THR A 222 -13.60 3.36 -6.85
CA THR A 222 -13.52 3.01 -5.44
C THR A 222 -13.98 1.56 -5.20
N GLU A 223 -14.85 1.06 -6.07
CA GLU A 223 -15.36 -0.29 -5.94
C GLU A 223 -14.34 -1.35 -6.36
N SER A 224 -13.48 -1.04 -7.32
CA SER A 224 -12.39 -1.96 -7.66
C SER A 224 -11.33 -1.89 -6.57
N ASP A 225 -11.16 -0.75 -5.93
CA ASP A 225 -10.27 -0.68 -4.76
C ASP A 225 -10.81 -1.54 -3.60
N VAL A 226 -12.14 -1.59 -3.44
CA VAL A 226 -12.72 -2.46 -2.40
C VAL A 226 -12.45 -3.92 -2.68
N TRP A 227 -12.55 -4.30 -3.95
CA TRP A 227 -12.18 -5.67 -4.35
C TRP A 227 -10.75 -5.97 -3.89
N SER A 228 -9.84 -5.07 -4.20
CA SER A 228 -8.44 -5.22 -3.82
C SER A 228 -8.28 -5.32 -2.32
N PHE A 229 -9.09 -4.58 -1.58
CA PHE A 229 -9.03 -4.68 -0.12
C PHE A 229 -9.42 -6.08 0.34
N GLY A 230 -10.40 -6.69 -0.31
CA GLY A 230 -10.76 -8.06 0.03
C GLY A 230 -9.55 -8.96 -0.17
N VAL A 231 -8.82 -8.73 -1.24
CA VAL A 231 -7.60 -9.51 -1.50
C VAL A 231 -6.52 -9.19 -0.44
N ILE A 232 -6.41 -7.94 -0.01
CA ILE A 232 -5.52 -7.63 1.11
C ILE A 232 -5.90 -8.42 2.37
N LEU A 233 -7.19 -8.51 2.69
CA LEU A 233 -7.61 -9.32 3.83
C LEU A 233 -7.13 -10.75 3.68
N TRP A 234 -7.23 -11.26 2.47
CA TRP A 234 -6.78 -12.62 2.21
C TRP A 234 -5.26 -12.74 2.41
N GLU A 235 -4.52 -11.76 1.90
CA GLU A 235 -3.07 -11.69 2.18
C GLU A 235 -2.75 -11.69 3.66
N ILE A 236 -3.46 -10.88 4.42
CA ILE A 236 -3.17 -10.78 5.86
C ILE A 236 -3.38 -12.14 6.51
N PHE A 237 -4.50 -12.78 6.22
CA PHE A 237 -4.81 -14.03 6.92
C PHE A 237 -4.09 -15.25 6.35
N THR A 238 -3.31 -15.06 5.29
CA THR A 238 -2.41 -16.09 4.81
C THR A 238 -0.95 -15.72 5.05
N TYR A 239 -0.70 -14.72 5.87
CA TYR A 239 0.67 -14.27 6.14
C TYR A 239 1.43 -13.89 4.87
N GLY A 240 0.74 -13.19 3.97
CA GLY A 240 1.42 -12.56 2.85
C GLY A 240 1.57 -13.45 1.63
N LYS A 241 0.88 -14.58 1.60
CA LYS A 241 1.01 -15.46 0.45
C LYS A 241 0.44 -14.77 -0.78
N GLN A 242 0.95 -15.12 -1.96
CA GLN A 242 0.43 -14.52 -3.18
C GLN A 242 -0.95 -15.05 -3.51
N PRO A 243 -1.91 -14.15 -3.78
CA PRO A 243 -3.23 -14.62 -4.23
C PRO A 243 -3.09 -15.46 -5.49
N TRP A 244 -3.83 -16.56 -5.56
CA TRP A 244 -3.81 -17.44 -6.74
C TRP A 244 -2.42 -17.96 -7.02
N PHE A 245 -1.66 -18.19 -5.96
CA PHE A 245 -0.28 -18.66 -6.07
C PHE A 245 -0.19 -19.94 -6.92
N GLN A 246 -1.25 -20.72 -6.96
CA GLN A 246 -1.22 -21.98 -7.72
C GLN A 246 -1.51 -21.81 -9.20
N LEU A 247 -1.76 -20.58 -9.62
CA LEU A 247 -2.15 -20.29 -11.00
C LEU A 247 -1.12 -19.46 -11.75
N SER A 248 -0.93 -19.77 -13.03
CA SER A 248 -0.18 -18.90 -13.94
C SER A 248 -0.97 -17.63 -14.20
N ASN A 249 -0.33 -16.64 -14.80
CA ASN A 249 -0.99 -15.36 -15.06
C ASN A 249 -2.21 -15.51 -15.99
N THR A 250 -2.05 -16.31 -17.03
CA THR A 250 -3.16 -16.60 -17.93
C THR A 250 -4.33 -17.26 -17.18
N GLU A 251 -4.00 -18.20 -16.31
CA GLU A 251 -5.02 -18.88 -15.51
C GLU A 251 -5.70 -17.93 -14.53
N VAL A 252 -4.97 -16.96 -14.00
CA VAL A 252 -5.56 -15.97 -13.11
C VAL A 252 -6.64 -15.16 -13.83
N ILE A 253 -6.32 -14.68 -15.02
CA ILE A 253 -7.25 -13.86 -15.80
C ILE A 253 -8.54 -14.64 -16.09
N GLU A 254 -8.39 -15.89 -16.50
CA GLU A 254 -9.56 -16.72 -16.78
C GLU A 254 -10.34 -16.97 -15.49
N CYS A 255 -9.63 -17.28 -14.41
CA CYS A 255 -10.24 -17.51 -13.11
C CYS A 255 -11.09 -16.33 -12.63
N ILE A 256 -10.54 -15.13 -12.72
CA ILE A 256 -11.25 -13.94 -12.26
C ILE A 256 -12.42 -13.60 -13.18
N THR A 257 -12.19 -13.73 -14.49
CA THR A 257 -13.22 -13.49 -15.49
C THR A 257 -14.40 -14.45 -15.33
N GLN A 258 -14.12 -15.68 -14.91
CA GLN A 258 -15.16 -16.69 -14.78
C GLN A 258 -15.82 -16.70 -13.39
N GLY A 259 -15.43 -15.74 -12.55
CA GLY A 259 -16.13 -15.55 -11.29
C GLY A 259 -15.76 -16.46 -10.15
N ARG A 260 -14.58 -17.09 -10.22
CA ARG A 260 -14.10 -17.87 -9.09
C ARG A 260 -13.49 -16.90 -8.07
N VAL A 261 -13.58 -17.21 -6.79
CA VAL A 261 -12.94 -16.34 -5.79
C VAL A 261 -11.96 -17.11 -4.93
N LEU A 262 -11.07 -16.37 -4.29
CA LEU A 262 -10.05 -16.95 -3.43
C LEU A 262 -10.70 -17.77 -2.34
N GLU A 263 -10.08 -18.90 -2.00
CA GLU A 263 -10.66 -19.78 -1.00
C GLU A 263 -10.40 -19.25 0.40
N ARG A 264 -11.27 -19.61 1.34
CA ARG A 264 -11.11 -19.17 2.72
C ARG A 264 -9.89 -19.81 3.34
N PRO A 265 -8.98 -18.98 3.87
CA PRO A 265 -7.84 -19.56 4.60
C PRO A 265 -8.33 -20.34 5.81
N ARG A 266 -7.64 -21.43 6.18
CA ARG A 266 -8.13 -22.27 7.26
C ARG A 266 -8.19 -21.52 8.59
N VAL A 267 -7.24 -20.61 8.81
CA VAL A 267 -7.20 -19.84 10.06
C VAL A 267 -8.03 -18.56 9.99
N CYS A 268 -8.80 -18.40 8.93
CA CYS A 268 -9.65 -17.23 8.78
C CYS A 268 -11.04 -17.48 9.37
N PRO A 269 -11.46 -16.65 10.33
CA PRO A 269 -12.82 -16.79 10.86
C PRO A 269 -13.87 -16.59 9.76
N LYS A 270 -15.02 -17.26 9.89
CA LYS A 270 -16.05 -17.15 8.87
C LYS A 270 -16.48 -15.71 8.66
N GLU A 271 -16.53 -14.94 9.74
CA GLU A 271 -16.97 -13.55 9.64
C GLU A 271 -16.04 -12.71 8.81
N VAL A 272 -14.74 -12.98 8.91
CA VAL A 272 -13.75 -12.26 8.11
C VAL A 272 -13.84 -12.68 6.64
N TYR A 273 -14.02 -13.98 6.40
CA TYR A 273 -14.21 -14.42 5.03
C TYR A 273 -15.48 -13.82 4.42
N ASP A 274 -16.52 -13.66 5.22
CA ASP A 274 -17.76 -13.04 4.73
C ASP A 274 -17.52 -11.58 4.32
N VAL A 275 -16.60 -10.89 4.99
CA VAL A 275 -16.20 -9.56 4.55
C VAL A 275 -15.50 -9.63 3.20
N MET A 276 -14.59 -10.59 3.02
CA MET A 276 -13.95 -10.77 1.71
C MET A 276 -14.98 -11.00 0.62
N LEU A 277 -15.95 -11.89 0.87
CA LEU A 277 -17.00 -12.13 -0.13
C LEU A 277 -17.80 -10.87 -0.41
N GLY A 278 -18.01 -10.06 0.62
CA GLY A 278 -18.68 -8.78 0.43
C GLY A 278 -17.90 -7.83 -0.46
N CYS A 279 -16.58 -7.97 -0.47
CA CYS A 279 -15.72 -7.20 -1.37
C CYS A 279 -15.71 -7.74 -2.79
N TRP A 280 -16.10 -9.00 -2.93
CA TRP A 280 -15.88 -9.71 -4.20
C TRP A 280 -17.16 -10.01 -4.97
N GLN A 281 -18.21 -9.26 -4.67
CA GLN A 281 -19.40 -9.30 -5.51
C GLN A 281 -19.02 -8.98 -6.96
N ARG A 282 -19.56 -9.73 -7.90
CA ARG A 282 -19.24 -9.51 -9.30
C ARG A 282 -19.73 -8.13 -9.75
N GLU A 283 -20.96 -7.79 -9.39
CA GLU A 283 -21.48 -6.44 -9.67
C GLU A 283 -20.84 -5.43 -8.73
N PRO A 284 -20.12 -4.43 -9.28
CA PRO A 284 -19.40 -3.52 -8.38
C PRO A 284 -20.30 -2.77 -7.41
N GLN A 285 -21.54 -2.48 -7.81
CA GLN A 285 -22.40 -1.69 -6.94
C GLN A 285 -22.95 -2.52 -5.78
N GLN A 286 -22.78 -3.83 -5.84
CA GLN A 286 -23.24 -4.70 -4.75
C GLN A 286 -22.16 -4.92 -3.70
N ARG A 287 -20.93 -4.53 -4.01
CA ARG A 287 -19.85 -4.69 -3.04
C ARG A 287 -20.09 -3.81 -1.83
N LEU A 288 -19.63 -4.25 -0.66
CA LEU A 288 -19.56 -3.40 0.52
C LEU A 288 -18.78 -2.15 0.16
N ASN A 289 -19.13 -1.00 0.73
CA ASN A 289 -18.27 0.15 0.54
C ASN A 289 -17.30 0.16 1.70
N ILE A 290 -16.23 0.93 1.57
CA ILE A 290 -15.13 0.79 2.51
C ILE A 290 -15.51 1.33 3.91
N LYS A 291 -16.47 2.25 3.96
CA LYS A 291 -16.94 2.73 5.25
C LYS A 291 -17.67 1.62 6.01
N GLU A 292 -18.46 0.84 5.27
CA GLU A 292 -19.17 -0.31 5.82
C GLU A 292 -18.16 -1.34 6.30
N ILE A 293 -17.14 -1.58 5.49
CA ILE A 293 -16.10 -2.55 5.84
C ILE A 293 -15.37 -2.13 7.12
N TYR A 294 -15.02 -0.85 7.21
CA TYR A 294 -14.36 -0.35 8.40
C TYR A 294 -15.20 -0.60 9.66
N LYS A 295 -16.50 -0.30 9.58
CA LYS A 295 -17.39 -0.50 10.73
C LYS A 295 -17.45 -1.97 11.13
N ILE A 296 -17.51 -2.85 10.13
CA ILE A 296 -17.60 -4.28 10.41
C ILE A 296 -16.34 -4.80 11.07
N LEU A 297 -15.19 -4.47 10.50
CA LEU A 297 -13.91 -4.90 11.06
C LEU A 297 -13.76 -4.47 12.50
N HIS A 298 -14.26 -3.28 12.79
CA HIS A 298 -14.22 -2.70 14.10
C HIS A 298 -15.18 -3.43 15.04
N ALA A 299 -16.34 -3.84 14.55
CA ALA A 299 -17.23 -4.65 15.39
C ALA A 299 -16.72 -6.08 15.58
N LEU A 300 -15.91 -6.57 14.64
CA LEU A 300 -15.44 -7.96 14.71
C LEU A 300 -14.38 -8.17 15.78
N GLY A 301 -13.62 -7.13 16.08
CA GLY A 301 -12.60 -7.24 17.10
C GLY A 301 -13.16 -7.33 18.51
N LYS A 302 -12.62 -8.29 19.27
CA LYS A 302 -12.99 -8.46 20.68
C LYS A 302 -12.53 -7.28 21.52
N ALA A 303 -11.32 -6.80 21.23
CA ALA A 303 -10.76 -5.66 21.92
C ALA A 303 -10.02 -4.77 20.93
N THR A 304 -10.78 -4.05 20.12
CA THR A 304 -10.19 -3.16 19.14
C THR A 304 -9.35 -2.09 19.81
N PRO A 305 -8.13 -1.88 19.32
CA PRO A 305 -7.30 -0.81 19.89
C PRO A 305 -8.01 0.52 19.90
N ILE A 306 -7.64 1.33 20.88
CA ILE A 306 -8.25 2.63 21.05
C ILE A 306 -7.36 3.69 20.42
N TYR A 307 -7.93 4.54 19.59
CA TYR A 307 -7.15 5.59 18.94
C TYR A 307 -7.17 6.89 19.74
N LEU A 308 -6.01 7.48 19.96
CA LEU A 308 -5.93 8.74 20.70
C LEU A 308 -5.20 9.85 19.93
N ASP A 309 -5.42 11.09 20.37
CA ASP A 309 -4.83 12.30 19.76
C ASP A 309 -4.22 13.22 20.88
N ILE A 310 -4.46 12.78 22.10
CA ILE A 310 -4.21 13.57 23.31
C ILE A 310 -4.96 14.91 23.35
#